data_3HDN
#
_entry.id   3HDN
#
_cell.length_a   96.812
_cell.length_b   96.812
_cell.length_c   150.779
_cell.angle_alpha   90.00
_cell.angle_beta   90.00
_cell.angle_gamma   120.00
#
_symmetry.space_group_name_H-M   'P 65 2 2'
#
loop_
_entity.id
_entity.type
_entity.pdbx_description
1 polymer 'Serine/threonine-protein kinase Sgk1'
2 non-polymer '[4-(5-naphthalen-2-yl-1H-pyrrolo[2,3-b]pyridin-3-yl)phenyl]acetic acid'
3 water water
#
_entity_poly.entity_id   1
_entity_poly.type   'polypeptide(L)'
_entity_poly.pdbx_seq_one_letter_code
;GISQPQEPELMNANPAPPPAPSQQINLGPSSNPHAKPSDFHFLKVIGKGSFGKVLLARHKAEEVFYAVKVLQKKAILKKK
EEKHIMSERNVLLKNVKHPFLVGLHFSFQTADKLYFVLDYINGGELFYHLQRERCFLEPRARFYAAEIASALGYLHSLNI
VYRDLKPENILLDSQGHIVLTDFGLCKENIEHNSTTSTFCGTPEYLAPEVLHKQPYDRTVDWWCLGAVLYEMLYGLPPFY
SRNTAEMYDNILNKPLQLKPNITNSARHLLEGLLQKDRTKRLGAKDDFMEIKSHVFFSLINWDDLINKKITPPFNPNVSG
PNDLRHFDPEFTEEPVPNAIGKAPDSVLVTASVKEAAEAFLGFSYAPPTDSFL
;
_entity_poly.pdbx_strand_id   A
#
loop_
_chem_comp.id
_chem_comp.type
_chem_comp.name
_chem_comp.formula
GMG non-polymer '[4-(5-naphthalen-2-yl-1H-pyrrolo[2,3-b]pyridin-3-yl)phenyl]acetic acid' 'C25 H18 N2 O2'
#
# COMPACT_ATOMS: atom_id res chain seq x y z
N GLN A 24 -7.61 -29.05 -3.24
CA GLN A 24 -7.67 -27.87 -4.15
C GLN A 24 -8.34 -26.68 -3.51
N ILE A 25 -7.72 -25.51 -3.63
CA ILE A 25 -8.26 -24.27 -3.09
C ILE A 25 -8.74 -23.35 -4.23
N ASN A 26 -9.92 -22.77 -4.06
CA ASN A 26 -10.51 -21.88 -5.05
C ASN A 26 -9.75 -20.55 -5.14
N LEU A 27 -9.19 -20.28 -6.32
CA LEU A 27 -8.35 -19.10 -6.55
C LEU A 27 -9.03 -18.02 -7.41
N GLY A 28 -10.14 -18.36 -8.04
CA GLY A 28 -10.91 -17.41 -8.84
C GLY A 28 -10.67 -17.52 -10.34
N PRO A 29 -10.93 -16.43 -11.09
CA PRO A 29 -10.81 -16.40 -12.55
C PRO A 29 -9.36 -16.40 -13.05
N SER A 30 -8.45 -15.91 -12.22
CA SER A 30 -7.03 -15.82 -12.57
C SER A 30 -6.34 -17.18 -12.55
N SER A 31 -7.00 -18.19 -11.99
CA SER A 31 -6.46 -19.54 -11.84
C SER A 31 -5.98 -20.13 -13.17
N ASN A 32 -4.81 -20.76 -13.13
CA ASN A 32 -4.22 -21.40 -14.29
C ASN A 32 -3.94 -22.89 -13.99
N PRO A 33 -4.82 -23.78 -14.48
CA PRO A 33 -4.71 -25.22 -14.19
C PRO A 33 -3.52 -25.91 -14.86
N HIS A 34 -2.81 -25.19 -15.72
CA HIS A 34 -1.70 -25.76 -16.49
C HIS A 34 -0.33 -25.32 -15.99
N ALA A 35 -0.28 -24.15 -15.34
CA ALA A 35 0.98 -23.57 -14.87
C ALA A 35 1.58 -24.32 -13.69
N LYS A 36 2.90 -24.50 -13.73
CA LYS A 36 3.64 -25.23 -12.70
C LYS A 36 4.96 -24.51 -12.37
N PRO A 37 5.50 -24.75 -11.15
CA PRO A 37 6.79 -24.14 -10.77
C PRO A 37 7.92 -24.49 -11.73
N SER A 38 7.76 -25.60 -12.45
CA SER A 38 8.73 -26.07 -13.44
C SER A 38 8.86 -25.14 -14.65
N ASP A 39 7.93 -24.19 -14.77
CA ASP A 39 7.93 -23.25 -15.89
C ASP A 39 8.79 -22.01 -15.63
N PHE A 40 9.28 -21.87 -14.39
CA PHE A 40 9.96 -20.65 -13.96
C PHE A 40 11.41 -20.85 -13.55
N HIS A 41 12.26 -19.89 -13.92
CA HIS A 41 13.64 -19.82 -13.43
C HIS A 41 13.74 -18.77 -12.32
N PHE A 42 13.88 -19.23 -11.08
CA PHE A 42 14.01 -18.34 -9.93
C PHE A 42 15.44 -17.83 -9.83
N LEU A 43 15.59 -16.52 -9.71
CA LEU A 43 16.93 -15.89 -9.62
C LEU A 43 17.33 -15.55 -8.19
N LYS A 44 16.60 -14.63 -7.57
CA LYS A 44 16.89 -14.18 -6.20
C LYS A 44 15.60 -13.89 -5.42
N VAL A 45 15.73 -13.77 -4.10
CA VAL A 45 14.60 -13.44 -3.24
C VAL A 45 14.35 -11.93 -3.27
N ILE A 46 13.11 -11.55 -3.56
CA ILE A 46 12.73 -10.15 -3.62
C ILE A 46 12.40 -9.59 -2.23
N GLY A 47 11.47 -10.22 -1.53
CA GLY A 47 11.05 -9.76 -0.21
C GLY A 47 10.08 -10.68 0.52
N LYS A 48 10.39 -10.94 1.80
CA LYS A 48 9.53 -11.72 2.66
C LYS A 48 8.55 -10.81 3.40
N GLY A 49 7.25 -11.06 3.18
CA GLY A 49 6.20 -10.30 3.86
C GLY A 49 5.50 -11.11 4.93
N SER A 50 4.30 -10.66 5.32
CA SER A 50 3.50 -11.35 6.33
C SER A 50 2.79 -12.58 5.77
N PHE A 51 2.49 -12.55 4.47
CA PHE A 51 1.69 -13.60 3.83
C PHE A 51 2.50 -14.38 2.78
N GLY A 52 3.76 -14.69 3.12
CA GLY A 52 4.62 -15.50 2.26
C GLY A 52 5.89 -14.79 1.80
N LYS A 53 6.50 -15.35 0.74
CA LYS A 53 7.74 -14.81 0.18
C LYS A 53 7.57 -14.43 -1.29
N VAL A 54 8.22 -13.33 -1.69
CA VAL A 54 8.20 -12.87 -3.07
C VAL A 54 9.58 -13.10 -3.69
N LEU A 55 9.60 -13.68 -4.88
CA LEU A 55 10.83 -14.07 -5.56
C LEU A 55 10.90 -13.53 -6.97
N LEU A 56 12.10 -13.16 -7.41
CA LEU A 56 12.33 -12.77 -8.80
C LEU A 56 12.45 -14.02 -9.67
N ALA A 57 11.56 -14.11 -10.66
CA ALA A 57 11.54 -15.26 -11.55
C ALA A 57 11.43 -14.86 -13.02
N ARG A 58 12.11 -15.61 -13.88
CA ARG A 58 12.05 -15.42 -15.32
C ARG A 58 11.38 -16.64 -15.95
N HIS A 59 10.28 -16.41 -16.65
CA HIS A 59 9.55 -17.49 -17.32
C HIS A 59 10.43 -18.12 -18.39
N LYS A 60 10.61 -19.44 -18.28
CA LYS A 60 11.47 -20.20 -19.19
C LYS A 60 11.12 -19.96 -20.66
N ALA A 61 9.82 -20.07 -20.97
CA ALA A 61 9.33 -19.93 -22.34
C ALA A 61 9.23 -18.47 -22.78
N GLU A 62 8.41 -17.70 -22.07
CA GLU A 62 8.10 -16.31 -22.43
C GLU A 62 9.32 -15.38 -22.39
N GLU A 63 10.32 -15.76 -21.61
CA GLU A 63 11.59 -15.04 -21.49
C GLU A 63 11.46 -13.63 -20.90
N VAL A 64 10.49 -13.44 -20.00
CA VAL A 64 10.30 -12.17 -19.29
C VAL A 64 10.30 -12.35 -17.78
N PHE A 65 10.53 -11.25 -17.06
CA PHE A 65 10.67 -11.29 -15.60
C PHE A 65 9.36 -11.02 -14.86
N TYR A 66 9.07 -11.87 -13.88
CA TYR A 66 7.89 -11.74 -13.04
C TYR A 66 8.25 -11.79 -11.56
N ALA A 67 7.52 -11.04 -10.76
CA ALA A 67 7.58 -11.16 -9.31
C ALA A 67 6.58 -12.22 -8.88
N VAL A 68 7.09 -13.34 -8.34
CA VAL A 68 6.23 -14.45 -7.97
C VAL A 68 6.13 -14.59 -6.45
N LYS A 69 4.92 -14.37 -5.93
CA LYS A 69 4.65 -14.52 -4.50
C LYS A 69 4.19 -15.95 -4.22
N VAL A 70 4.92 -16.62 -3.34
CA VAL A 70 4.62 -18.00 -2.96
C VAL A 70 4.12 -18.05 -1.51
N LEU A 71 2.99 -18.72 -1.31
CA LEU A 71 2.42 -18.90 0.03
C LEU A 71 2.06 -20.36 0.26
N GLN A 72 2.44 -20.88 1.42
CA GLN A 72 2.20 -22.29 1.76
C GLN A 72 0.74 -22.54 2.15
N LYS A 73 0.20 -23.65 1.66
CA LYS A 73 -1.21 -24.02 1.86
C LYS A 73 -1.54 -24.43 3.29
N LYS A 74 -0.51 -24.75 4.07
CA LYS A 74 -0.66 -25.10 5.48
C LYS A 74 -0.80 -23.86 6.37
N ALA A 75 -0.66 -22.68 5.78
CA ALA A 75 -0.73 -21.41 6.51
C ALA A 75 -2.14 -20.79 6.49
N ILE A 76 -3.05 -21.39 5.73
CA ILE A 76 -4.42 -20.90 5.61
C ILE A 76 -5.34 -21.61 6.61
N LEU A 77 -6.22 -20.83 7.25
CA LEU A 77 -7.21 -21.38 8.18
C LEU A 77 -8.62 -21.23 7.62
N VAL A 91 -13.49 -18.46 -1.81
CA VAL A 91 -13.62 -17.02 -1.59
C VAL A 91 -12.39 -16.45 -0.90
N LEU A 92 -11.21 -16.76 -1.45
CA LEU A 92 -9.94 -16.35 -0.87
C LEU A 92 -9.24 -15.23 -1.64
N LEU A 93 -9.19 -15.35 -2.97
CA LEU A 93 -8.54 -14.35 -3.81
C LEU A 93 -9.55 -13.55 -4.63
N LYS A 94 -9.45 -12.22 -4.55
CA LYS A 94 -10.30 -11.31 -5.32
C LYS A 94 -9.46 -10.19 -5.95
N ASN A 95 -8.90 -10.49 -7.12
CA ASN A 95 -8.03 -9.56 -7.84
C ASN A 95 -8.77 -8.37 -8.44
N VAL A 96 -8.24 -7.18 -8.24
CA VAL A 96 -8.80 -5.96 -8.80
C VAL A 96 -7.77 -5.26 -9.68
N LYS A 97 -8.18 -4.90 -10.90
CA LYS A 97 -7.32 -4.22 -11.85
C LYS A 97 -7.45 -2.71 -11.74
N HIS A 98 -6.32 -2.02 -11.72
CA HIS A 98 -6.27 -0.57 -11.61
C HIS A 98 -4.87 -0.10 -12.03
N PRO A 99 -4.78 1.02 -12.76
CA PRO A 99 -3.49 1.59 -13.17
C PRO A 99 -2.48 1.80 -12.02
N PHE A 100 -2.95 1.76 -10.77
CA PHE A 100 -2.09 1.95 -9.61
C PHE A 100 -2.05 0.75 -8.66
N LEU A 101 -2.61 -0.37 -9.10
CA LEU A 101 -2.50 -1.64 -8.38
C LEU A 101 -1.72 -2.62 -9.24
N VAL A 102 -0.83 -3.38 -8.61
CA VAL A 102 0.00 -4.36 -9.33
C VAL A 102 -0.86 -5.39 -10.05
N GLY A 103 -0.48 -5.72 -11.29
CA GLY A 103 -1.27 -6.61 -12.13
C GLY A 103 -1.00 -8.08 -11.90
N LEU A 104 -2.05 -8.82 -11.54
CA LEU A 104 -1.98 -10.28 -11.42
C LEU A 104 -2.21 -10.91 -12.79
N HIS A 105 -1.17 -11.59 -13.29
CA HIS A 105 -1.24 -12.25 -14.59
C HIS A 105 -2.03 -13.55 -14.50
N PHE A 106 -1.59 -14.45 -13.62
CA PHE A 106 -2.28 -15.70 -13.34
C PHE A 106 -1.84 -16.30 -12.00
N SER A 107 -2.58 -17.32 -11.55
CA SER A 107 -2.26 -18.02 -10.31
C SER A 107 -2.35 -19.52 -10.49
N PHE A 108 -1.51 -20.26 -9.78
CA PHE A 108 -1.50 -21.73 -9.81
C PHE A 108 -1.08 -22.33 -8.47
N GLN A 109 -1.37 -23.61 -8.28
CA GLN A 109 -1.10 -24.28 -7.01
C GLN A 109 -0.53 -25.69 -7.17
N THR A 110 0.38 -26.04 -6.26
CA THR A 110 0.87 -27.41 -6.14
C THR A 110 0.13 -28.08 -4.96
N ALA A 111 0.65 -29.22 -4.51
CA ALA A 111 0.06 -29.94 -3.38
C ALA A 111 0.34 -29.24 -2.05
N ASP A 112 1.37 -28.39 -2.02
CA ASP A 112 1.83 -27.76 -0.78
C ASP A 112 1.83 -26.22 -0.83
N LYS A 113 2.04 -25.67 -2.02
CA LYS A 113 2.25 -24.22 -2.16
C LYS A 113 1.28 -23.55 -3.14
N LEU A 114 1.03 -22.27 -2.91
CA LEU A 114 0.27 -21.41 -3.82
C LEU A 114 1.22 -20.41 -4.47
N TYR A 115 1.00 -20.15 -5.76
CA TYR A 115 1.86 -19.24 -6.52
C TYR A 115 1.03 -18.11 -7.14
N PHE A 116 1.54 -16.89 -7.05
CA PHE A 116 0.87 -15.72 -7.61
C PHE A 116 1.83 -14.91 -8.48
N VAL A 117 1.64 -15.00 -9.80
CA VAL A 117 2.50 -14.33 -10.76
C VAL A 117 2.08 -12.87 -10.92
N LEU A 118 2.98 -11.96 -10.55
CA LEU A 118 2.70 -10.52 -10.58
C LEU A 118 3.65 -9.79 -11.52
N ASP A 119 3.33 -8.53 -11.81
CA ASP A 119 4.24 -7.63 -12.53
C ASP A 119 5.48 -7.40 -11.69
N TYR A 120 6.65 -7.49 -12.33
CA TYR A 120 7.89 -7.12 -11.66
C TYR A 120 8.06 -5.61 -11.75
N ILE A 121 7.77 -4.93 -10.64
CA ILE A 121 7.88 -3.47 -10.57
C ILE A 121 9.32 -3.11 -10.18
N ASN A 122 10.05 -2.53 -11.13
CA ASN A 122 11.50 -2.37 -10.98
C ASN A 122 11.99 -0.98 -10.57
N GLY A 123 11.09 0.00 -10.58
CA GLY A 123 11.44 1.38 -10.22
C GLY A 123 11.93 1.57 -8.80
N GLY A 124 11.71 0.56 -7.96
CA GLY A 124 12.15 0.59 -6.57
C GLY A 124 11.09 1.14 -5.63
N GLU A 125 11.22 0.81 -4.36
CA GLU A 125 10.30 1.28 -3.32
C GLU A 125 10.30 2.80 -3.26
N LEU A 126 9.11 3.39 -3.14
CA LEU A 126 8.96 4.84 -3.03
C LEU A 126 9.81 5.40 -1.90
N PHE A 127 9.79 4.72 -0.77
CA PHE A 127 10.44 5.19 0.45
C PHE A 127 11.97 5.06 0.43
N TYR A 128 12.47 4.26 -0.49
CA TYR A 128 13.91 4.21 -0.78
C TYR A 128 14.36 5.54 -1.36
N HIS A 129 13.58 6.07 -2.31
CA HIS A 129 13.84 7.38 -2.90
C HIS A 129 13.69 8.49 -1.86
N LEU A 130 12.71 8.33 -0.96
CA LEU A 130 12.44 9.29 0.12
C LEU A 130 13.63 9.41 1.06
N GLN A 131 14.17 8.26 1.47
CA GLN A 131 15.36 8.21 2.32
C GLN A 131 16.55 8.91 1.64
N ARG A 132 16.72 8.65 0.35
CA ARG A 132 17.82 9.22 -0.43
C ARG A 132 17.70 10.72 -0.64
N GLU A 133 16.51 11.27 -0.37
CA GLU A 133 16.25 12.69 -0.55
C GLU A 133 15.84 13.38 0.75
N ARG A 134 15.81 12.60 1.83
CA ARG A 134 15.37 13.04 3.16
C ARG A 134 13.86 13.30 3.24
N CYS A 135 13.33 14.06 2.29
CA CYS A 135 11.90 14.32 2.15
C CYS A 135 11.52 14.76 0.72
N PHE A 136 10.22 14.80 0.43
CA PHE A 136 9.73 15.21 -0.89
C PHE A 136 9.19 16.64 -0.91
N LEU A 137 9.38 17.32 -2.03
CA LEU A 137 8.72 18.61 -2.29
C LEU A 137 7.22 18.37 -2.42
N GLU A 138 6.43 19.41 -2.12
CA GLU A 138 4.97 19.27 -2.10
C GLU A 138 4.31 18.85 -3.41
N PRO A 139 4.74 19.42 -4.57
CA PRO A 139 4.18 18.93 -5.82
C PRO A 139 4.50 17.45 -6.07
N ARG A 140 5.73 17.05 -5.73
CA ARG A 140 6.17 15.66 -5.80
C ARG A 140 5.30 14.78 -4.90
N ALA A 141 5.14 15.20 -3.65
CA ALA A 141 4.36 14.45 -2.67
C ALA A 141 2.88 14.36 -3.03
N ARG A 142 2.32 15.46 -3.49
CA ARG A 142 0.92 15.50 -3.92
C ARG A 142 0.65 14.46 -5.01
N PHE A 143 1.52 14.42 -6.01
CA PHE A 143 1.42 13.46 -7.12
C PHE A 143 1.26 12.03 -6.59
N TYR A 144 2.19 11.60 -5.74
CA TYR A 144 2.17 10.25 -5.18
C TYR A 144 0.95 10.03 -4.30
N ALA A 145 0.62 11.00 -3.45
CA ALA A 145 -0.55 10.94 -2.59
C ALA A 145 -1.84 10.83 -3.41
N ALA A 146 -1.90 11.54 -4.54
CA ALA A 146 -3.06 11.54 -5.42
C ALA A 146 -3.29 10.20 -6.10
N GLU A 147 -2.21 9.56 -6.55
CA GLU A 147 -2.28 8.26 -7.22
C GLU A 147 -2.71 7.16 -6.26
N ILE A 148 -2.20 7.21 -5.03
CA ILE A 148 -2.61 6.31 -3.97
C ILE A 148 -4.07 6.57 -3.61
N ALA A 149 -4.42 7.85 -3.46
CA ALA A 149 -5.77 8.25 -3.12
C ALA A 149 -6.82 7.67 -4.07
N SER A 150 -6.57 7.79 -5.37
CA SER A 150 -7.53 7.33 -6.38
C SER A 150 -7.74 5.82 -6.29
N ALA A 151 -6.64 5.09 -6.11
CA ALA A 151 -6.68 3.63 -5.99
C ALA A 151 -7.48 3.18 -4.78
N LEU A 152 -7.33 3.91 -3.67
CA LEU A 152 -8.07 3.63 -2.45
C LEU A 152 -9.56 3.92 -2.64
N GLY A 153 -9.85 5.04 -3.29
CA GLY A 153 -11.23 5.46 -3.56
C GLY A 153 -11.95 4.48 -4.46
N TYR A 154 -11.24 3.99 -5.48
CA TYR A 154 -11.79 3.01 -6.41
C TYR A 154 -12.15 1.70 -5.71
N LEU A 155 -11.27 1.24 -4.81
CA LEU A 155 -11.49 0.01 -4.05
C LEU A 155 -12.71 0.13 -3.13
N HIS A 156 -12.86 1.28 -2.48
CA HIS A 156 -14.02 1.54 -1.62
C HIS A 156 -15.34 1.50 -2.40
N SER A 157 -15.31 1.96 -3.64
CA SER A 157 -16.49 1.94 -4.51
C SER A 157 -16.94 0.51 -4.81
N LEU A 158 -16.00 -0.41 -4.74
CA LEU A 158 -16.27 -1.84 -4.91
C LEU A 158 -16.37 -2.54 -3.55
N ASN A 159 -16.48 -1.74 -2.49
CA ASN A 159 -16.63 -2.22 -1.11
C ASN A 159 -15.40 -2.99 -0.60
N ILE A 160 -14.22 -2.56 -1.03
CA ILE A 160 -12.95 -3.18 -0.64
C ILE A 160 -12.09 -2.20 0.14
N VAL A 161 -11.61 -2.64 1.31
CA VAL A 161 -10.76 -1.83 2.17
C VAL A 161 -9.33 -2.38 2.11
N TYR A 162 -8.37 -1.48 1.91
CA TYR A 162 -6.96 -1.84 1.83
C TYR A 162 -6.42 -2.33 3.17
N ARG A 163 -6.99 -1.82 4.26
CA ARG A 163 -6.73 -2.29 5.63
C ARG A 163 -5.36 -1.89 6.20
N ASP A 164 -4.28 -2.31 5.55
CA ASP A 164 -2.93 -2.07 6.07
C ASP A 164 -1.93 -1.59 4.99
N LEU A 165 -2.07 -0.32 4.61
CA LEU A 165 -1.15 0.30 3.67
C LEU A 165 0.18 0.61 4.36
N LYS A 166 1.26 0.07 3.81
CA LYS A 166 2.61 0.25 4.37
C LYS A 166 3.56 0.80 3.30
N PRO A 167 4.62 1.52 3.72
CA PRO A 167 5.68 1.96 2.80
C PRO A 167 6.29 0.83 1.96
N GLU A 168 6.29 -0.39 2.50
CA GLU A 168 6.77 -1.57 1.77
C GLU A 168 5.75 -2.05 0.73
N ASN A 169 4.53 -1.53 0.82
CA ASN A 169 3.48 -1.83 -0.15
C ASN A 169 3.42 -0.79 -1.27
N ILE A 170 4.28 0.21 -1.20
CA ILE A 170 4.29 1.30 -2.18
C ILE A 170 5.57 1.29 -3.02
N LEU A 171 5.40 1.09 -4.32
CA LEU A 171 6.53 1.06 -5.25
C LEU A 171 6.27 2.00 -6.43
N LEU A 172 7.36 2.43 -7.08
CA LEU A 172 7.26 3.16 -8.34
C LEU A 172 7.60 2.22 -9.49
N ASP A 173 6.89 2.35 -10.62
CA ASP A 173 7.22 1.54 -11.80
C ASP A 173 8.35 2.17 -12.62
N SER A 174 8.76 1.46 -13.68
CA SER A 174 9.87 1.88 -14.54
C SER A 174 9.78 3.34 -14.98
N GLN A 175 8.54 3.85 -15.07
CA GLN A 175 8.29 5.21 -15.53
C GLN A 175 8.23 6.21 -14.37
N GLY A 176 7.72 5.77 -13.23
CA GLY A 176 7.64 6.62 -12.05
C GLY A 176 6.24 6.81 -11.50
N HIS A 177 5.34 5.89 -11.83
CA HIS A 177 3.96 5.92 -11.33
C HIS A 177 3.80 4.96 -10.15
N ILE A 178 2.94 5.35 -9.21
CA ILE A 178 2.68 4.57 -8.00
C ILE A 178 2.09 3.21 -8.34
N VAL A 179 2.66 2.17 -7.74
CA VAL A 179 2.13 0.81 -7.85
C VAL A 179 2.00 0.20 -6.47
N LEU A 180 0.78 -0.18 -6.10
CA LEU A 180 0.53 -0.83 -4.82
C LEU A 180 0.55 -2.34 -4.98
N THR A 181 1.18 -3.02 -4.01
CA THR A 181 1.48 -4.45 -4.12
C THR A 181 0.29 -5.37 -3.81
N ASP A 182 -0.73 -4.82 -3.14
CA ASP A 182 -1.93 -5.59 -2.81
C ASP A 182 -2.66 -5.99 -4.08
N PHE A 183 -2.96 -7.28 -4.21
CA PHE A 183 -3.64 -7.80 -5.39
C PHE A 183 -4.94 -8.54 -5.09
N GLY A 184 -5.25 -8.72 -3.81
CA GLY A 184 -6.57 -9.23 -3.41
C GLY A 184 -6.65 -10.46 -2.52
N LEU A 185 -5.53 -10.83 -1.90
CA LEU A 185 -5.52 -11.95 -0.95
C LEU A 185 -6.30 -11.60 0.31
N CYS A 186 -7.29 -12.45 0.64
CA CYS A 186 -8.08 -12.29 1.86
C CYS A 186 -7.18 -12.50 3.08
N LYS A 187 -6.73 -11.38 3.65
CA LYS A 187 -5.72 -11.37 4.72
C LYS A 187 -6.23 -11.93 6.05
N GLU A 188 -7.51 -11.71 6.33
CA GLU A 188 -8.16 -12.21 7.55
C GLU A 188 -8.37 -13.73 7.52
N ASN A 189 -7.51 -14.43 6.79
CA ASN A 189 -7.56 -15.89 6.67
C ASN A 189 -6.18 -16.55 6.62
N ILE A 190 -5.13 -15.77 6.91
CA ILE A 190 -3.74 -16.26 6.85
C ILE A 190 -3.05 -16.22 8.22
N GLU A 191 -2.58 -17.38 8.69
CA GLU A 191 -1.90 -17.51 9.97
C GLU A 191 -0.44 -17.02 9.90
N HIS A 192 -0.15 -15.95 10.63
CA HIS A 192 1.15 -15.30 10.63
C HIS A 192 1.46 -14.62 11.96
N ASN A 193 2.75 -14.55 12.31
CA ASN A 193 3.18 -13.85 13.52
C ASN A 193 3.15 -12.34 13.32
N SER A 194 2.22 -11.68 14.01
CA SER A 194 2.09 -10.23 13.97
C SER A 194 2.79 -9.57 15.16
N THR A 195 3.60 -10.36 15.87
CA THR A 195 4.35 -9.93 17.04
C THR A 195 5.18 -8.67 16.76
N THR A 196 5.08 -7.69 17.66
CA THR A 196 5.78 -6.41 17.51
C THR A 196 6.98 -6.29 18.45
N SER A 197 8.09 -5.79 17.89
CA SER A 197 9.34 -5.63 18.63
C SER A 197 9.30 -4.44 19.57
N THR A 198 10.20 -4.42 20.56
CA THR A 198 10.26 -3.36 21.56
C THR A 198 10.77 -2.05 20.97
N PHE A 199 11.98 -2.07 20.41
CA PHE A 199 12.52 -0.93 19.68
C PHE A 199 12.54 -1.20 18.19
N CYS A 200 12.35 -0.13 17.40
CA CYS A 200 12.51 -0.17 15.94
C CYS A 200 11.62 -1.21 15.27
N GLY A 201 10.32 -1.00 15.33
CA GLY A 201 9.36 -1.92 14.72
C GLY A 201 9.37 -1.84 13.20
N THR A 202 8.62 -2.74 12.57
CA THR A 202 8.41 -2.71 11.13
C THR A 202 7.55 -1.48 10.82
N PRO A 203 8.01 -0.62 9.88
CA PRO A 203 7.26 0.58 9.52
C PRO A 203 5.84 0.24 9.06
N GLU A 204 4.87 0.76 9.82
CA GLU A 204 3.45 0.56 9.55
C GLU A 204 2.65 1.66 10.24
N TYR A 205 1.51 2.00 9.66
CA TYR A 205 0.66 3.04 10.22
C TYR A 205 -0.60 2.43 10.81
N LEU A 206 -0.59 2.23 12.12
CA LEU A 206 -1.76 1.68 12.82
C LEU A 206 -2.65 2.82 13.30
N ALA A 207 -3.87 2.87 12.75
CA ALA A 207 -4.85 3.88 13.13
C ALA A 207 -5.31 3.66 14.57
N PRO A 208 -5.75 4.75 15.26
CA PRO A 208 -6.25 4.61 16.62
C PRO A 208 -7.27 3.48 16.81
N GLU A 209 -8.19 3.34 15.86
CA GLU A 209 -9.22 2.30 15.92
C GLU A 209 -8.65 0.88 15.79
N VAL A 210 -7.55 0.73 15.06
CA VAL A 210 -6.88 -0.56 14.88
C VAL A 210 -6.14 -0.96 16.15
N LEU A 211 -5.66 0.04 16.88
CA LEU A 211 -4.99 -0.19 18.16
C LEU A 211 -5.98 -0.65 19.23
N HIS A 212 -7.18 -0.05 19.21
CA HIS A 212 -8.29 -0.49 20.07
C HIS A 212 -8.87 -1.81 19.58
N LYS A 213 -8.40 -2.25 18.40
CA LYS A 213 -8.83 -3.49 17.74
C LYS A 213 -10.33 -3.49 17.41
N GLN A 214 -10.74 -2.47 16.66
CA GLN A 214 -12.10 -2.36 16.15
C GLN A 214 -12.07 -2.66 14.65
N PRO A 215 -13.16 -3.28 14.12
CA PRO A 215 -13.25 -3.68 12.71
C PRO A 215 -12.83 -2.60 11.71
N TYR A 216 -12.16 -3.03 10.64
CA TYR A 216 -11.69 -2.13 9.61
C TYR A 216 -12.85 -1.64 8.75
N ASP A 217 -13.04 -0.33 8.72
CA ASP A 217 -13.91 0.30 7.71
C ASP A 217 -13.02 1.08 6.75
N ARG A 218 -13.63 1.67 5.72
CA ARG A 218 -12.88 2.40 4.70
C ARG A 218 -11.97 3.50 5.25
N THR A 219 -12.44 4.17 6.31
CA THR A 219 -11.75 5.34 6.90
C THR A 219 -10.36 5.04 7.46
N VAL A 220 -10.01 3.76 7.56
CA VAL A 220 -8.68 3.36 8.03
C VAL A 220 -7.63 3.62 6.92
N ASP A 221 -8.06 3.51 5.67
CA ASP A 221 -7.19 3.75 4.53
C ASP A 221 -6.84 5.23 4.41
N TRP A 222 -7.77 6.09 4.81
CA TRP A 222 -7.56 7.53 4.78
C TRP A 222 -6.55 8.00 5.82
N TRP A 223 -6.55 7.35 6.98
CA TRP A 223 -5.52 7.56 7.99
C TRP A 223 -4.15 7.18 7.43
N CYS A 224 -4.09 6.03 6.76
CA CYS A 224 -2.85 5.55 6.17
C CYS A 224 -2.33 6.49 5.09
N LEU A 225 -3.25 6.98 4.26
CA LEU A 225 -2.90 7.96 3.23
C LEU A 225 -2.27 9.20 3.87
N GLY A 226 -2.94 9.72 4.90
CA GLY A 226 -2.45 10.89 5.65
C GLY A 226 -1.10 10.66 6.26
N ALA A 227 -0.89 9.45 6.77
CA ALA A 227 0.38 9.07 7.37
C ALA A 227 1.50 8.95 6.32
N VAL A 228 1.14 8.44 5.15
CA VAL A 228 2.10 8.33 4.03
C VAL A 228 2.56 9.72 3.60
N LEU A 229 1.60 10.63 3.44
CA LEU A 229 1.90 12.01 3.07
C LEU A 229 2.71 12.72 4.15
N TYR A 230 2.36 12.49 5.42
CA TYR A 230 3.11 13.06 6.55
C TYR A 230 4.58 12.66 6.49
N GLU A 231 4.83 11.36 6.30
CA GLU A 231 6.19 10.85 6.21
C GLU A 231 6.92 11.38 4.98
N MET A 232 6.21 11.52 3.86
CA MET A 232 6.80 12.07 2.64
C MET A 232 7.30 13.49 2.80
N LEU A 233 6.58 14.28 3.59
CA LEU A 233 6.92 15.69 3.82
C LEU A 233 7.93 15.86 4.95
N TYR A 234 7.79 15.05 6.00
CA TYR A 234 8.57 15.24 7.23
C TYR A 234 9.78 14.31 7.41
N GLY A 235 9.75 13.15 6.77
CA GLY A 235 10.88 12.23 6.81
C GLY A 235 10.68 11.04 7.73
N LEU A 236 9.74 11.17 8.66
CA LEU A 236 9.39 10.10 9.59
C LEU A 236 7.87 9.98 9.73
N PRO A 237 7.36 8.80 10.14
CA PRO A 237 5.92 8.61 10.29
C PRO A 237 5.35 9.47 11.41
N PRO A 238 4.06 9.81 11.34
CA PRO A 238 3.45 10.62 12.40
C PRO A 238 3.50 9.90 13.75
N PHE A 239 3.72 10.68 14.82
CA PHE A 239 3.78 10.18 16.20
C PHE A 239 4.95 9.23 16.47
N TYR A 240 5.94 9.25 15.58
CA TYR A 240 7.09 8.34 15.64
C TYR A 240 7.83 8.38 16.97
N SER A 241 8.36 7.21 17.34
CA SER A 241 9.29 7.09 18.46
C SER A 241 10.16 5.85 18.24
N ARG A 242 11.37 5.88 18.81
CA ARG A 242 12.25 4.72 18.76
C ARG A 242 11.62 3.57 19.54
N ASN A 243 10.96 3.90 20.65
CA ASN A 243 10.19 2.94 21.44
C ASN A 243 8.81 2.74 20.83
N THR A 244 8.50 1.49 20.47
CA THR A 244 7.25 1.15 19.80
C THR A 244 6.02 1.44 20.68
N ALA A 245 6.12 1.10 21.96
CA ALA A 245 5.04 1.33 22.91
C ALA A 245 4.78 2.82 23.13
N GLU A 246 5.85 3.61 23.12
CA GLU A 246 5.75 5.07 23.18
C GLU A 246 5.07 5.62 21.93
N MET A 247 5.35 5.00 20.79
CA MET A 247 4.77 5.41 19.52
C MET A 247 3.26 5.19 19.49
N TYR A 248 2.81 4.02 19.97
CA TYR A 248 1.38 3.74 20.08
C TYR A 248 0.70 4.74 21.00
N ASP A 249 1.38 5.05 22.11
CA ASP A 249 0.88 5.98 23.11
C ASP A 249 0.69 7.40 22.53
N ASN A 250 1.58 7.79 21.63
CA ASN A 250 1.47 9.06 20.92
C ASN A 250 0.26 9.09 19.99
N ILE A 251 0.13 8.05 19.16
CA ILE A 251 -0.98 7.90 18.21
C ILE A 251 -2.34 8.10 18.90
N LEU A 252 -2.46 7.56 20.12
CA LEU A 252 -3.72 7.58 20.85
C LEU A 252 -3.95 8.88 21.62
N ASN A 253 -2.91 9.40 22.25
CA ASN A 253 -3.08 10.44 23.28
C ASN A 253 -2.45 11.81 22.97
N LYS A 254 -1.35 11.80 22.22
CA LYS A 254 -0.61 13.03 21.93
C LYS A 254 -1.19 13.76 20.71
N PRO A 255 -1.54 15.06 20.87
CA PRO A 255 -2.12 15.85 19.78
C PRO A 255 -1.20 15.93 18.56
N LEU A 256 -1.78 15.92 17.37
CA LEU A 256 -1.01 16.02 16.13
C LEU A 256 -0.33 17.36 16.00
N GLN A 257 1.00 17.35 16.11
CA GLN A 257 1.81 18.55 15.93
C GLN A 257 2.43 18.53 14.55
N LEU A 258 2.05 19.50 13.73
CA LEU A 258 2.59 19.65 12.39
C LEU A 258 3.58 20.80 12.38
N LYS A 259 4.82 20.51 12.01
CA LYS A 259 5.87 21.51 11.96
C LYS A 259 5.66 22.46 10.78
N PRO A 260 6.21 23.69 10.87
CA PRO A 260 6.18 24.60 9.72
C PRO A 260 6.92 24.05 8.50
N ASN A 261 6.98 24.85 7.43
CA ASN A 261 7.62 24.49 6.16
C ASN A 261 6.75 23.62 5.26
N ILE A 262 5.47 23.51 5.60
CA ILE A 262 4.48 22.96 4.67
C ILE A 262 3.28 23.91 4.52
N THR A 263 2.71 23.95 3.31
CA THR A 263 1.62 24.86 2.96
C THR A 263 0.36 24.64 3.79
N ASN A 264 -0.48 25.68 3.88
CA ASN A 264 -1.75 25.62 4.62
C ASN A 264 -2.66 24.49 4.13
N SER A 265 -2.72 24.30 2.82
CA SER A 265 -3.50 23.20 2.23
C SER A 265 -2.99 21.84 2.72
N ALA A 266 -1.68 21.66 2.73
CA ALA A 266 -1.06 20.45 3.25
C ALA A 266 -1.33 20.31 4.75
N ARG A 267 -1.24 21.41 5.47
CA ARG A 267 -1.53 21.45 6.91
C ARG A 267 -2.97 21.04 7.20
N HIS A 268 -3.90 21.57 6.43
CA HIS A 268 -5.32 21.32 6.63
C HIS A 268 -5.72 19.90 6.27
N LEU A 269 -5.09 19.35 5.22
CA LEU A 269 -5.34 17.98 4.80
C LEU A 269 -4.89 16.98 5.85
N LEU A 270 -3.68 17.19 6.37
CA LEU A 270 -3.12 16.29 7.37
C LEU A 270 -3.92 16.33 8.68
N GLU A 271 -4.39 17.52 9.04
CA GLU A 271 -5.29 17.68 10.18
C GLU A 271 -6.58 16.90 9.99
N GLY A 272 -7.05 16.87 8.74
CA GLY A 272 -8.27 16.16 8.38
C GLY A 272 -8.09 14.65 8.32
N LEU A 273 -7.01 14.22 7.68
CA LEU A 273 -6.75 12.79 7.46
C LEU A 273 -6.22 12.08 8.71
N LEU A 274 -5.52 12.80 9.57
CA LEU A 274 -4.97 12.22 10.79
C LEU A 274 -5.83 12.53 12.02
N GLN A 275 -7.14 12.59 11.81
CA GLN A 275 -8.09 12.70 12.92
C GLN A 275 -8.18 11.37 13.64
N LYS A 276 -7.98 11.40 14.96
CA LYS A 276 -7.99 10.18 15.77
C LYS A 276 -9.40 9.57 15.82
N ASP A 277 -10.41 10.42 15.90
CA ASP A 277 -11.80 9.98 15.82
C ASP A 277 -12.16 9.75 14.36
N ARG A 278 -12.50 8.50 14.02
CA ARG A 278 -12.78 8.13 12.63
C ARG A 278 -14.18 8.56 12.15
N THR A 279 -14.99 9.12 13.06
CA THR A 279 -16.27 9.71 12.69
C THR A 279 -16.10 11.18 12.33
N LYS A 280 -14.94 11.74 12.68
CA LYS A 280 -14.58 13.13 12.37
C LYS A 280 -13.56 13.22 11.24
N ARG A 281 -12.97 12.08 10.89
CA ARG A 281 -11.90 12.01 9.89
C ARG A 281 -12.37 12.43 8.50
N LEU A 282 -11.47 13.03 7.73
CA LEU A 282 -11.76 13.41 6.35
C LEU A 282 -12.02 12.15 5.51
N GLY A 283 -13.18 12.11 4.88
CA GLY A 283 -13.59 10.95 4.10
C GLY A 283 -14.48 10.01 4.90
N ALA A 284 -15.10 10.54 5.96
CA ALA A 284 -16.02 9.76 6.78
C ALA A 284 -17.43 9.77 6.19
N LYS A 285 -17.87 10.94 5.74
CA LYS A 285 -19.24 11.12 5.25
C LYS A 285 -19.39 10.85 3.75
N ASP A 286 -18.38 11.22 2.97
CA ASP A 286 -18.45 11.11 1.51
C ASP A 286 -17.23 10.44 0.87
N ASP A 287 -16.44 9.76 1.70
CA ASP A 287 -15.26 8.98 1.25
C ASP A 287 -14.32 9.77 0.33
N PHE A 288 -14.05 9.21 -0.85
CA PHE A 288 -13.06 9.74 -1.78
C PHE A 288 -13.37 11.15 -2.28
N MET A 289 -14.65 11.47 -2.39
CA MET A 289 -15.08 12.80 -2.84
C MET A 289 -14.63 13.91 -1.90
N GLU A 290 -14.40 13.57 -0.63
CA GLU A 290 -13.87 14.52 0.35
C GLU A 290 -12.39 14.78 0.12
N ILE A 291 -11.66 13.74 -0.26
CA ILE A 291 -10.23 13.84 -0.56
C ILE A 291 -10.03 14.46 -1.93
N LYS A 292 -10.75 13.94 -2.92
CA LYS A 292 -10.70 14.40 -4.31
C LYS A 292 -10.87 15.92 -4.42
N SER A 293 -11.85 16.45 -3.70
CA SER A 293 -12.21 17.86 -3.77
C SER A 293 -11.47 18.76 -2.77
N HIS A 294 -10.46 18.20 -2.10
CA HIS A 294 -9.70 18.98 -1.13
C HIS A 294 -8.80 20.00 -1.80
N VAL A 295 -8.61 21.13 -1.13
CA VAL A 295 -7.82 22.26 -1.67
C VAL A 295 -6.37 21.91 -1.99
N PHE A 296 -5.80 20.94 -1.25
CA PHE A 296 -4.45 20.47 -1.50
C PHE A 296 -4.32 19.82 -2.87
N PHE A 297 -5.37 19.10 -3.29
CA PHE A 297 -5.39 18.42 -4.58
C PHE A 297 -6.11 19.23 -5.67
N SER A 298 -6.16 20.54 -5.49
CA SER A 298 -6.78 21.43 -6.48
C SER A 298 -6.14 21.29 -7.86
N LEU A 299 -4.81 21.24 -7.88
CA LEU A 299 -4.04 21.20 -9.12
C LEU A 299 -4.08 19.82 -9.82
N ILE A 300 -4.78 18.88 -9.22
CA ILE A 300 -4.85 17.51 -9.74
C ILE A 300 -6.05 17.32 -10.67
N ASN A 301 -5.77 17.01 -11.94
CA ASN A 301 -6.78 16.55 -12.87
C ASN A 301 -6.89 15.04 -12.76
N TRP A 302 -7.87 14.59 -11.98
CA TRP A 302 -8.01 13.17 -11.63
C TRP A 302 -8.26 12.27 -12.83
N ASP A 303 -8.81 12.85 -13.89
CA ASP A 303 -9.07 12.13 -15.14
C ASP A 303 -7.75 11.82 -15.82
N ASP A 304 -6.88 12.82 -15.89
CA ASP A 304 -5.55 12.69 -16.47
C ASP A 304 -4.64 11.81 -15.62
N LEU A 305 -4.85 11.85 -14.30
CA LEU A 305 -4.04 11.09 -13.36
C LEU A 305 -4.19 9.58 -13.56
N ILE A 306 -5.43 9.09 -13.59
CA ILE A 306 -5.70 7.66 -13.80
C ILE A 306 -5.28 7.26 -15.22
N ASN A 307 -5.45 8.18 -16.17
CA ASN A 307 -5.01 7.96 -17.54
C ASN A 307 -3.52 8.26 -17.76
N LYS A 308 -2.79 8.39 -16.65
CA LYS A 308 -1.34 8.59 -16.66
C LYS A 308 -0.87 9.64 -17.68
N LYS A 309 -1.56 10.77 -17.72
CA LYS A 309 -1.23 11.88 -18.62
C LYS A 309 -0.25 12.86 -17.96
N ILE A 310 -0.39 13.05 -16.65
CA ILE A 310 0.59 13.84 -15.90
C ILE A 310 1.87 13.03 -15.78
N THR A 311 2.93 13.53 -16.40
CA THR A 311 4.23 12.88 -16.35
C THR A 311 4.78 12.94 -14.93
N PRO A 312 5.24 11.79 -14.40
CA PRO A 312 5.79 11.71 -13.04
C PRO A 312 6.91 12.72 -12.81
N PRO A 313 6.94 13.35 -11.61
CA PRO A 313 7.94 14.37 -11.29
C PRO A 313 9.36 13.79 -11.26
N PHE A 314 9.46 12.49 -11.02
CA PHE A 314 10.74 11.80 -10.95
C PHE A 314 10.74 10.56 -11.85
N ASN A 315 11.85 10.34 -12.55
CA ASN A 315 12.01 9.17 -13.41
C ASN A 315 13.14 8.26 -12.90
N PRO A 316 12.80 7.04 -12.45
CA PRO A 316 13.78 6.06 -11.96
C PRO A 316 14.79 5.63 -13.04
C4 GMG B . 13.21 -3.33 -7.16
C5 GMG B . 5.83 -6.99 -1.09
C6 GMG B . 3.92 -8.19 -1.85
C7 GMG B . 12.22 -4.68 -3.92
C8 GMG B . 6.24 -6.82 -2.39
C10 GMG B . 10.99 -5.21 -4.23
C13 GMG B . 5.04 -7.51 -5.83
C15 GMG B . 4.21 -7.85 0.60
C17 GMG B . 12.96 -4.05 -4.89
C20 GMG B . 10.48 -5.14 -5.52
C21 GMG B . 9.19 -5.70 -5.88
C22 GMG B . 7.07 -6.63 -5.39
C24 GMG B . 6.89 -6.69 -6.77
C1 GMG B . 14.93 -2.88 -5.58
C2 GMG B . 14.44 -2.79 -6.86
C3 GMG B . 14.21 -3.50 -4.59
C9 GMG B . 4.33 -8.03 -3.15
C11 GMG B . 11.24 -4.50 -6.47
C12 GMG B . 8.28 -6.11 -4.92
C14 GMG B . 8.86 -5.82 -7.21
C16 GMG B . 4.66 -7.67 -0.81
C18 GMG B . 5.50 -7.34 -3.43
C19 GMG B . 12.47 -3.96 -6.18
C23 GMG B . 5.89 -7.15 -4.80
C25 GMG B . 4.41 -9.27 1.03
N26 GMG B . 5.66 -7.22 -7.00
N27 GMG B . 7.74 -6.31 -7.72
O28 GMG B . 3.46 -9.61 1.95
O29 GMG B . 5.30 -10.02 0.65
#